data_7XQK
#
_entry.id   7XQK
#
_cell.length_a   154.154
_cell.length_b   154.154
_cell.length_c   76.675
_cell.angle_alpha   90.000
_cell.angle_beta   90.000
_cell.angle_gamma   120.000
#
_symmetry.space_group_name_H-M   'P 63'
#
loop_
_entity.id
_entity.type
_entity.pdbx_description
1 polymer 'Glutathione S-transferase class-mu 26 kDa isozyme,Cyclin-dependent kinase 3'
2 polymer 'G1/S-specific cyclin-E1'
3 non-polymer 'SULFATE ION'
4 non-polymer GLYCEROL
5 non-polymer '2-(N-MORPHOLINO)-ETHANESULFONIC ACID'
6 water water
#
loop_
_entity_poly.entity_id
_entity_poly.type
_entity_poly.pdbx_seq_one_letter_code
_entity_poly.pdbx_strand_id
1 'polypeptide(L)'
;MSPILGYWKIKGLVQPTRLLLEYLEEKYEEHLYERDEGDKWRNKKFELGLEFPNLPYYIDGDVKLTQSMAIIRYIADKHN
MLGGCPKERAEISMLEGAVLDIRYGVSRIAYSKDFETLKVDFLSKLPEMLKMFEDRLCHKTYLNGDHVTHPDFMLYDALD
VVLYMDPMCLDAFPKLVCFKKRIEAIPQIDKYLKSSKYIAWPLQGWQATFGGGDHPPKSDLEVLFQGPMDMFQKVEKIGE
GTYGVVYKAKNRETGQLVALKKIRLDLEMEGVPSTAIREISLLKELKHPNIVRLLDVVHNERKLYLVFEFLSQDLKKYMD
STPGSELPLHLIKSYLFQLLQGVSFCHSHRVIHRDLKPQNLLINELGAIKLADFGLARAFGVPLRTY(TPO)HEVVTLWY
RAPEILLGSKFYTTAVDIWSIGCIFAEMVTRKALFPGDSEIDQLFRIFRMLGTPSEDTWPGVTQLPDYKGSFPKWTRKGL
EEIVPNLEPEGRDLLMQLLQYDPSQRITAKTALAHPYFSSPEPSPAARQYVLQRFRH
;
A
2 'polypeptide(L)'
;MDYKDDDDKHHHHHHENLYFQGIIAPSRGSPLPVLSWANREEVWKIMLNKEKTYLRDQHFLEQHPLLQPKMRAILLDWLM
EVCEVYKLHRETFYLAQDFFDRYMATQENVVKTLLQLIGISSLFIAAKLEEIYPPKLHQFAYVTDGACSGDEILTMELMI
MKALKWRLSPLTIVSWLNVYMQVAYLNDLHEVLLPQYPQQIFIQIAELLDLCVLDVDCLEFPYGILAASALYHFSSSELM
QKVSGYQWCDIENCVKWMVPFAMVIRETGSSKLKHFRGVADEDAHNIQTHRDSLDLLDKARAKKA
;
B
#
loop_
_chem_comp.id
_chem_comp.type
_chem_comp.name
_chem_comp.formula
GOL non-polymer GLYCEROL 'C3 H8 O3'
MES non-polymer '2-(N-MORPHOLINO)-ETHANESULFONIC ACID' 'C6 H13 N O4 S'
SO4 non-polymer 'SULFATE ION' 'O4 S -2'
#
# COMPACT_ATOMS: atom_id res chain seq x y z
N MET A 231 -30.82 -12.78 -7.98
CA MET A 231 -29.69 -11.84 -7.67
C MET A 231 -28.50 -12.12 -8.60
N PHE A 232 -27.73 -13.19 -8.37
CA PHE A 232 -26.66 -13.70 -9.28
C PHE A 232 -26.85 -15.20 -9.47
N GLN A 233 -27.03 -15.68 -10.71
CA GLN A 233 -27.30 -17.11 -11.02
C GLN A 233 -26.00 -17.91 -10.90
N LYS A 234 -25.79 -18.59 -9.75
CA LYS A 234 -24.47 -19.11 -9.29
C LYS A 234 -24.10 -20.39 -10.04
N VAL A 235 -24.06 -20.32 -11.37
CA VAL A 235 -23.90 -21.44 -12.35
C VAL A 235 -22.98 -22.55 -11.81
N GLU A 236 -21.93 -22.22 -11.04
CA GLU A 236 -20.92 -23.21 -10.58
C GLU A 236 -20.00 -22.60 -9.52
N LYS A 237 -19.49 -23.43 -8.60
CA LYS A 237 -18.36 -23.13 -7.68
C LYS A 237 -17.06 -23.41 -8.44
N ILE A 238 -15.99 -22.63 -8.18
CA ILE A 238 -14.65 -22.80 -8.84
C ILE A 238 -13.49 -22.69 -7.83
N GLY A 239 -13.73 -22.88 -6.52
CA GLY A 239 -12.66 -23.03 -5.51
C GLY A 239 -12.97 -22.34 -4.19
N GLU A 240 -11.93 -22.15 -3.35
CA GLU A 240 -11.92 -21.38 -2.07
C GLU A 240 -10.78 -20.33 -2.15
N GLY A 241 -10.80 -19.28 -1.31
CA GLY A 241 -9.89 -18.13 -1.43
C GLY A 241 -9.41 -17.55 -0.10
N THR A 242 -8.60 -16.48 -0.16
CA THR A 242 -7.97 -15.74 0.97
C THR A 242 -9.04 -15.46 2.05
N TYR A 243 -10.25 -15.04 1.63
CA TYR A 243 -11.48 -14.91 2.46
C TYR A 243 -12.61 -15.68 1.76
N GLY A 244 -13.24 -16.62 2.49
CA GLY A 244 -14.44 -17.37 2.04
C GLY A 244 -14.21 -18.21 0.80
N VAL A 245 -15.22 -18.29 -0.07
CA VAL A 245 -15.37 -19.29 -1.18
C VAL A 245 -15.61 -18.55 -2.51
N VAL A 246 -15.32 -19.19 -3.65
CA VAL A 246 -15.31 -18.57 -5.01
C VAL A 246 -16.21 -19.36 -5.95
N TYR A 247 -16.89 -18.67 -6.89
CA TYR A 247 -17.98 -19.21 -7.74
C TYR A 247 -17.96 -18.52 -9.13
N LYS A 248 -18.32 -19.25 -10.20
CA LYS A 248 -18.70 -18.66 -11.51
C LYS A 248 -20.17 -18.29 -11.40
N ALA A 249 -20.69 -17.35 -12.20
CA ALA A 249 -22.11 -16.90 -12.11
C ALA A 249 -22.53 -16.00 -13.29
N LYS A 250 -23.82 -15.65 -13.34
CA LYS A 250 -24.44 -14.76 -14.36
C LYS A 250 -25.30 -13.68 -13.70
N ASN A 251 -25.16 -12.43 -14.16
CA ASN A 251 -26.06 -11.30 -13.78
C ASN A 251 -27.35 -11.44 -14.58
N ARG A 252 -28.50 -11.44 -13.91
CA ARG A 252 -29.84 -11.73 -14.51
C ARG A 252 -30.27 -10.59 -15.45
N GLU A 253 -30.06 -9.34 -15.03
CA GLU A 253 -30.47 -8.13 -15.78
C GLU A 253 -29.46 -7.81 -16.90
N THR A 254 -28.45 -8.68 -17.15
CA THR A 254 -27.46 -8.50 -18.26
C THR A 254 -27.07 -9.84 -18.92
N GLY A 255 -27.12 -10.98 -18.22
CA GLY A 255 -26.67 -12.30 -18.73
C GLY A 255 -25.15 -12.44 -18.79
N GLN A 256 -24.41 -11.48 -18.23
CA GLN A 256 -22.92 -11.37 -18.28
C GLN A 256 -22.31 -12.29 -17.21
N LEU A 257 -21.23 -13.00 -17.58
CA LEU A 257 -20.46 -13.92 -16.68
C LEU A 257 -19.59 -13.08 -15.74
N VAL A 258 -19.55 -13.49 -14.45
CA VAL A 258 -18.76 -12.87 -13.34
C VAL A 258 -18.19 -14.00 -12.48
N ALA A 259 -17.09 -13.73 -11.75
CA ALA A 259 -16.56 -14.58 -10.65
C ALA A 259 -16.84 -13.88 -9.30
N LEU A 260 -17.31 -14.66 -8.31
CA LEU A 260 -17.93 -14.21 -7.03
C LEU A 260 -17.06 -14.66 -5.87
N LYS A 261 -16.56 -13.74 -5.04
CA LYS A 261 -15.94 -14.07 -3.73
C LYS A 261 -16.97 -13.70 -2.65
N LYS A 262 -17.37 -14.66 -1.82
CA LYS A 262 -18.44 -14.49 -0.81
C LYS A 262 -17.77 -14.40 0.56
N ILE A 263 -18.03 -13.32 1.29
CA ILE A 263 -17.53 -13.13 2.68
C ILE A 263 -18.76 -13.27 3.57
N ARG A 264 -18.72 -14.16 4.55
CA ARG A 264 -19.83 -14.36 5.51
C ARG A 264 -19.54 -13.45 6.71
N LEU A 265 -20.20 -12.30 6.78
CA LEU A 265 -19.82 -11.26 7.77
C LEU A 265 -20.18 -11.77 9.17
N ASP A 266 -21.20 -12.63 9.27
CA ASP A 266 -21.62 -13.34 10.52
C ASP A 266 -20.46 -14.13 11.12
N LEU A 267 -19.56 -14.65 10.29
CA LEU A 267 -18.42 -15.46 10.79
C LEU A 267 -17.15 -14.61 11.01
N GLU A 268 -17.18 -13.28 10.79
CA GLU A 268 -15.97 -12.43 10.88
C GLU A 268 -16.07 -11.57 12.14
N MET A 269 -15.34 -11.94 13.18
CA MET A 269 -15.28 -11.19 14.48
C MET A 269 -14.74 -9.76 14.24
N GLU A 270 -13.84 -9.55 13.29
CA GLU A 270 -13.24 -8.23 12.96
C GLU A 270 -13.98 -7.51 11.80
N GLY A 271 -15.19 -7.95 11.44
CA GLY A 271 -15.93 -7.32 10.32
C GLY A 271 -15.28 -7.59 8.98
N VAL A 272 -15.31 -6.63 8.06
CA VAL A 272 -14.73 -6.84 6.71
C VAL A 272 -13.23 -7.09 6.89
N PRO A 273 -12.70 -8.26 6.44
CA PRO A 273 -11.29 -8.58 6.61
C PRO A 273 -10.33 -7.60 5.90
N SER A 274 -9.18 -7.34 6.54
CA SER A 274 -8.16 -6.42 6.02
C SER A 274 -7.84 -6.76 4.56
N THR A 275 -7.66 -8.04 4.25
CA THR A 275 -7.33 -8.50 2.88
C THR A 275 -8.40 -8.05 1.88
N ALA A 276 -9.68 -8.09 2.26
CA ALA A 276 -10.79 -7.67 1.36
C ALA A 276 -10.83 -6.13 1.25
N ILE A 277 -10.59 -5.41 2.35
CA ILE A 277 -10.61 -3.91 2.29
C ILE A 277 -9.45 -3.47 1.38
N ARG A 278 -8.30 -4.11 1.53
CA ARG A 278 -7.12 -3.83 0.67
C ARG A 278 -7.43 -4.18 -0.78
N GLU A 279 -7.92 -5.41 -1.07
CA GLU A 279 -8.18 -5.82 -2.47
C GLU A 279 -9.18 -4.84 -3.12
N ILE A 280 -10.29 -4.55 -2.45
CA ILE A 280 -11.36 -3.69 -3.02
C ILE A 280 -10.77 -2.30 -3.26
N SER A 281 -10.15 -1.68 -2.24
CA SER A 281 -9.68 -0.28 -2.35
C SER A 281 -8.65 -0.21 -3.47
N LEU A 282 -7.77 -1.20 -3.59
CA LEU A 282 -6.69 -1.15 -4.59
C LEU A 282 -7.32 -1.29 -5.97
N LEU A 283 -8.25 -2.21 -6.13
CA LEU A 283 -8.81 -2.49 -7.50
C LEU A 283 -9.83 -1.42 -7.88
N LYS A 284 -10.37 -0.62 -6.95
CA LYS A 284 -11.24 0.54 -7.31
C LYS A 284 -10.46 1.52 -8.22
N GLU A 285 -9.14 1.57 -8.13
CA GLU A 285 -8.34 2.61 -8.82
C GLU A 285 -7.27 2.00 -9.75
N LEU A 286 -6.90 0.74 -9.56
CA LEU A 286 -5.84 0.06 -10.33
C LEU A 286 -6.47 -0.66 -11.54
N LYS A 287 -6.51 0.04 -12.68
CA LYS A 287 -7.22 -0.39 -13.90
C LYS A 287 -6.20 -0.44 -15.05
N HIS A 288 -6.04 -1.62 -15.62
CA HIS A 288 -5.01 -1.95 -16.64
C HIS A 288 -5.41 -3.23 -17.36
N PRO A 289 -5.15 -3.36 -18.68
CA PRO A 289 -5.48 -4.58 -19.43
C PRO A 289 -4.95 -5.90 -18.87
N ASN A 290 -3.89 -5.86 -18.06
CA ASN A 290 -3.19 -7.05 -17.49
C ASN A 290 -3.43 -7.13 -15.98
N ILE A 291 -4.50 -6.49 -15.51
CA ILE A 291 -4.98 -6.59 -14.11
C ILE A 291 -6.46 -6.94 -14.16
N VAL A 292 -6.87 -7.93 -13.39
CA VAL A 292 -8.28 -8.38 -13.27
C VAL A 292 -9.16 -7.19 -12.84
N ARG A 293 -10.34 -7.07 -13.42
CA ARG A 293 -11.29 -5.99 -13.08
C ARG A 293 -12.19 -6.45 -11.95
N LEU A 294 -12.38 -5.59 -10.95
CA LEU A 294 -13.45 -5.69 -9.94
C LEU A 294 -14.68 -4.99 -10.50
N LEU A 295 -15.77 -5.70 -10.72
CA LEU A 295 -16.97 -5.15 -11.41
C LEU A 295 -17.87 -4.46 -10.39
N ASP A 296 -18.02 -5.05 -9.20
CA ASP A 296 -18.97 -4.52 -8.18
C ASP A 296 -18.64 -5.06 -6.79
N VAL A 297 -19.22 -4.42 -5.79
CA VAL A 297 -19.22 -4.92 -4.39
C VAL A 297 -20.66 -4.86 -3.90
N VAL A 298 -21.19 -6.00 -3.48
CA VAL A 298 -22.63 -6.10 -3.11
C VAL A 298 -22.73 -6.52 -1.65
N HIS A 299 -23.40 -5.73 -0.84
CA HIS A 299 -23.68 -6.01 0.57
C HIS A 299 -25.16 -6.36 0.66
N ASN A 300 -25.47 -7.61 0.99
CA ASN A 300 -26.86 -8.13 0.97
C ASN A 300 -26.98 -9.14 2.10
N GLU A 301 -27.99 -8.96 2.97
CA GLU A 301 -28.12 -9.69 4.25
C GLU A 301 -26.84 -9.43 5.04
N ARG A 302 -26.10 -10.48 5.37
CA ARG A 302 -24.88 -10.42 6.20
C ARG A 302 -23.74 -11.05 5.38
N LYS A 303 -23.81 -10.87 4.06
CA LYS A 303 -22.76 -11.35 3.13
C LYS A 303 -22.22 -10.14 2.36
N LEU A 304 -20.91 -10.15 2.10
CA LEU A 304 -20.31 -9.15 1.17
C LEU A 304 -19.82 -9.89 -0.07
N TYR A 305 -20.28 -9.52 -1.27
CA TYR A 305 -19.83 -10.20 -2.52
C TYR A 305 -18.94 -9.25 -3.30
N LEU A 306 -17.72 -9.71 -3.59
CA LEU A 306 -16.80 -9.07 -4.54
C LEU A 306 -17.06 -9.69 -5.91
N VAL A 307 -17.51 -8.86 -6.87
CA VAL A 307 -17.84 -9.30 -8.24
C VAL A 307 -16.67 -8.95 -9.17
N PHE A 308 -15.93 -9.96 -9.62
CA PHE A 308 -14.84 -9.79 -10.62
C PHE A 308 -15.28 -10.26 -12.01
N GLU A 309 -14.71 -9.67 -13.05
CA GLU A 309 -14.80 -10.23 -14.42
C GLU A 309 -14.46 -11.73 -14.34
N PHE A 310 -15.13 -12.51 -15.18
CA PHE A 310 -14.90 -13.97 -15.36
C PHE A 310 -13.83 -14.14 -16.44
N LEU A 311 -12.73 -14.85 -16.11
CA LEU A 311 -11.76 -15.34 -17.11
C LEU A 311 -11.75 -16.87 -17.03
N SER A 312 -11.49 -17.55 -18.17
CA SER A 312 -11.68 -19.02 -18.38
C SER A 312 -10.93 -19.85 -17.34
N GLN A 313 -9.65 -19.57 -17.10
CA GLN A 313 -8.86 -20.32 -16.11
C GLN A 313 -7.59 -19.56 -15.71
N ASP A 314 -6.87 -20.08 -14.72
CA ASP A 314 -5.55 -19.55 -14.30
C ASP A 314 -4.43 -20.31 -15.02
N LEU A 315 -3.23 -19.74 -15.04
CA LEU A 315 -2.04 -20.30 -15.72
C LEU A 315 -1.70 -21.67 -15.14
N LYS A 316 -1.92 -21.91 -13.85
CA LYS A 316 -1.55 -23.22 -13.25
C LYS A 316 -2.45 -24.31 -13.86
N LYS A 317 -3.76 -24.12 -13.80
CA LYS A 317 -4.79 -25.06 -14.35
C LYS A 317 -4.49 -25.26 -15.84
N TYR A 318 -4.02 -24.23 -16.54
CA TYR A 318 -3.71 -24.30 -17.99
C TYR A 318 -2.51 -25.20 -18.20
N MET A 319 -1.44 -24.99 -17.44
CA MET A 319 -0.19 -25.77 -17.61
C MET A 319 -0.40 -27.24 -17.18
N ASP A 320 -1.31 -27.49 -16.22
CA ASP A 320 -1.65 -28.84 -15.70
C ASP A 320 -2.52 -29.60 -16.71
N SER A 321 -3.18 -28.92 -17.66
CA SER A 321 -4.09 -29.53 -18.68
C SER A 321 -3.32 -29.83 -19.98
N THR A 322 -3.86 -30.71 -20.82
CA THR A 322 -3.22 -31.25 -22.05
C THR A 322 -2.77 -30.10 -22.94
N PRO A 323 -3.70 -29.24 -23.45
CA PRO A 323 -3.31 -28.02 -24.18
C PRO A 323 -2.75 -27.04 -23.13
N GLY A 324 -1.43 -26.95 -23.03
CA GLY A 324 -0.73 -26.21 -21.96
C GLY A 324 0.41 -27.02 -21.35
N SER A 325 0.38 -28.35 -21.49
CA SER A 325 1.47 -29.27 -21.08
C SER A 325 2.81 -28.80 -21.69
N GLU A 326 2.80 -28.39 -22.98
CA GLU A 326 3.99 -27.85 -23.70
C GLU A 326 3.70 -26.44 -24.29
N LEU A 327 3.99 -25.37 -23.54
CA LEU A 327 3.75 -23.95 -23.92
C LEU A 327 4.70 -23.57 -25.05
N PRO A 328 4.19 -23.07 -26.19
CA PRO A 328 5.05 -22.58 -27.25
C PRO A 328 5.96 -21.44 -26.76
N LEU A 329 7.15 -21.29 -27.33
CA LEU A 329 8.14 -20.26 -26.92
C LEU A 329 7.56 -18.86 -27.13
N HIS A 330 6.84 -18.63 -28.23
CA HIS A 330 6.16 -17.32 -28.49
C HIS A 330 5.16 -17.03 -27.36
N LEU A 331 4.42 -18.01 -26.86
CA LEU A 331 3.37 -17.74 -25.84
C LEU A 331 4.01 -17.45 -24.48
N ILE A 332 5.06 -18.18 -24.13
CA ILE A 332 5.84 -17.93 -22.90
C ILE A 332 6.27 -16.47 -22.93
N LYS A 333 6.74 -15.99 -24.07
CA LYS A 333 7.24 -14.60 -24.21
C LYS A 333 6.08 -13.60 -24.07
N SER A 334 4.93 -13.87 -24.71
CA SER A 334 3.78 -12.92 -24.72
C SER A 334 3.13 -12.90 -23.32
N TYR A 335 3.02 -14.05 -22.66
CA TYR A 335 2.55 -14.14 -21.25
C TYR A 335 3.52 -13.37 -20.34
N LEU A 336 4.84 -13.60 -20.42
CA LEU A 336 5.82 -12.88 -19.56
C LEU A 336 5.75 -11.36 -19.79
N PHE A 337 5.66 -10.92 -21.05
CA PHE A 337 5.60 -9.47 -21.40
C PHE A 337 4.41 -8.81 -20.68
N GLN A 338 3.26 -9.46 -20.76
CA GLN A 338 1.97 -9.00 -20.17
C GLN A 338 2.11 -8.94 -18.65
N LEU A 339 2.64 -10.00 -18.06
CA LEU A 339 2.96 -10.11 -16.61
C LEU A 339 3.76 -8.87 -16.18
N LEU A 340 4.85 -8.58 -16.90
CA LEU A 340 5.75 -7.44 -16.60
C LEU A 340 5.01 -6.11 -16.80
N GLN A 341 4.15 -6.01 -17.81
CA GLN A 341 3.30 -4.79 -18.03
C GLN A 341 2.38 -4.56 -16.83
N GLY A 342 1.64 -5.59 -16.41
CA GLY A 342 0.77 -5.52 -15.22
C GLY A 342 1.57 -5.14 -13.97
N VAL A 343 2.68 -5.80 -13.73
CA VAL A 343 3.50 -5.56 -12.50
C VAL A 343 4.08 -4.14 -12.55
N SER A 344 4.60 -3.73 -13.70
CA SER A 344 5.16 -2.38 -13.93
C SER A 344 4.11 -1.32 -13.60
N PHE A 345 2.85 -1.56 -14.00
CA PHE A 345 1.74 -0.63 -13.71
C PHE A 345 1.46 -0.57 -12.19
N CYS A 346 1.40 -1.72 -11.52
CA CYS A 346 1.29 -1.80 -10.03
C CYS A 346 2.39 -0.93 -9.36
N HIS A 347 3.65 -1.14 -9.71
CA HIS A 347 4.82 -0.49 -9.07
C HIS A 347 4.78 1.02 -9.31
N SER A 348 4.47 1.43 -10.54
CA SER A 348 4.35 2.86 -10.89
C SER A 348 3.18 3.46 -10.11
N HIS A 349 2.20 2.66 -9.70
CA HIS A 349 1.03 3.10 -8.89
C HIS A 349 1.27 2.83 -7.40
N ARG A 350 2.50 2.45 -7.03
CA ARG A 350 2.90 2.31 -5.61
C ARG A 350 2.09 1.15 -5.01
N VAL A 351 1.97 0.06 -5.76
CA VAL A 351 1.32 -1.19 -5.26
C VAL A 351 2.29 -2.34 -5.44
N ILE A 352 2.43 -3.15 -4.40
CA ILE A 352 3.27 -4.35 -4.41
C ILE A 352 2.32 -5.54 -4.26
N HIS A 353 2.38 -6.53 -5.16
CA HIS A 353 1.35 -7.60 -5.22
C HIS A 353 1.56 -8.60 -4.09
N ARG A 354 2.79 -9.10 -3.95
CA ARG A 354 3.28 -9.98 -2.86
C ARG A 354 2.65 -11.38 -2.90
N ASP A 355 2.04 -11.79 -4.02
CA ASP A 355 1.65 -13.22 -4.17
C ASP A 355 1.57 -13.62 -5.65
N LEU A 356 2.60 -13.30 -6.42
CA LEU A 356 2.58 -13.63 -7.86
C LEU A 356 2.95 -15.11 -7.99
N LYS A 357 2.04 -15.89 -8.54
CA LYS A 357 2.28 -17.33 -8.86
C LYS A 357 1.25 -17.73 -9.92
N PRO A 358 1.45 -18.85 -10.65
CA PRO A 358 0.59 -19.17 -11.79
C PRO A 358 -0.91 -19.18 -11.43
N GLN A 359 -1.25 -19.54 -10.19
CA GLN A 359 -2.65 -19.68 -9.72
C GLN A 359 -3.34 -18.31 -9.75
N ASN A 360 -2.56 -17.24 -9.66
CA ASN A 360 -3.09 -15.87 -9.50
C ASN A 360 -2.93 -15.11 -10.82
N LEU A 361 -2.60 -15.80 -11.90
CA LEU A 361 -2.58 -15.20 -13.26
C LEU A 361 -3.70 -15.83 -14.08
N LEU A 362 -4.70 -15.05 -14.47
CA LEU A 362 -5.92 -15.50 -15.17
C LEU A 362 -5.71 -15.27 -16.68
N ILE A 363 -6.06 -16.26 -17.50
CA ILE A 363 -5.87 -16.21 -18.98
C ILE A 363 -7.26 -16.24 -19.61
N ASN A 364 -7.46 -15.48 -20.68
CA ASN A 364 -8.72 -15.53 -21.46
C ASN A 364 -8.48 -16.31 -22.74
N GLU A 365 -9.48 -16.36 -23.59
CA GLU A 365 -9.51 -17.26 -24.78
C GLU A 365 -8.75 -16.58 -25.93
N LEU A 366 -8.36 -15.29 -25.78
CA LEU A 366 -7.73 -14.49 -26.88
C LEU A 366 -6.21 -14.38 -26.72
N GLY A 367 -5.64 -14.82 -25.60
CA GLY A 367 -4.19 -14.73 -25.35
C GLY A 367 -3.81 -13.74 -24.24
N ALA A 368 -4.76 -13.04 -23.64
CA ALA A 368 -4.47 -12.09 -22.56
C ALA A 368 -4.17 -12.88 -21.27
N ILE A 369 -3.33 -12.32 -20.43
CA ILE A 369 -3.07 -12.80 -19.06
C ILE A 369 -3.12 -11.60 -18.11
N LYS A 370 -3.70 -11.79 -16.93
CA LYS A 370 -4.00 -10.72 -15.96
C LYS A 370 -3.61 -11.14 -14.54
N LEU A 371 -3.06 -10.20 -13.77
CA LEU A 371 -2.79 -10.39 -12.33
C LEU A 371 -4.14 -10.44 -11.61
N ALA A 372 -4.30 -11.36 -10.67
CA ALA A 372 -5.50 -11.49 -9.83
C ALA A 372 -5.08 -11.73 -8.38
N ASP A 373 -6.06 -11.74 -7.48
CA ASP A 373 -5.95 -11.87 -6.00
C ASP A 373 -5.00 -10.81 -5.43
N PHE A 374 -5.51 -9.60 -5.25
CA PHE A 374 -4.79 -8.44 -4.67
C PHE A 374 -5.01 -8.37 -3.15
N GLY A 375 -5.56 -9.43 -2.55
CA GLY A 375 -5.83 -9.57 -1.11
C GLY A 375 -4.53 -9.53 -0.29
N LEU A 376 -3.40 -9.94 -0.87
CA LEU A 376 -2.10 -9.98 -0.16
C LEU A 376 -1.25 -8.76 -0.53
N ALA A 377 -1.79 -7.82 -1.29
CA ALA A 377 -1.06 -6.66 -1.85
C ALA A 377 -1.01 -5.57 -0.77
N ARG A 378 -0.21 -4.55 -1.02
CA ARG A 378 -0.18 -3.33 -0.18
C ARG A 378 0.14 -2.12 -1.05
N ALA A 379 -0.58 -1.03 -0.85
CA ALA A 379 -0.16 0.29 -1.37
C ALA A 379 1.06 0.74 -0.53
N PHE A 380 2.23 0.94 -1.11
CA PHE A 380 3.42 1.36 -0.33
C PHE A 380 3.62 2.87 -0.38
N GLY A 381 4.21 3.38 0.71
CA GLY A 381 4.70 4.76 0.79
C GLY A 381 6.01 4.92 0.02
N VAL A 382 6.29 6.14 -0.42
CA VAL A 382 7.59 6.56 -0.98
C VAL A 382 8.17 7.60 -0.03
N PRO A 383 9.17 7.26 0.83
CA PRO A 383 9.74 5.93 0.95
C PRO A 383 8.82 4.99 1.74
N LEU A 384 9.18 3.71 1.81
CA LEU A 384 8.30 2.73 2.49
C LEU A 384 8.83 2.49 3.89
N ARG A 385 8.11 1.67 4.65
N ARG A 385 8.13 1.66 4.64
CA ARG A 385 8.50 1.26 6.02
CA ARG A 385 8.53 1.26 6.01
C ARG A 385 8.47 -0.27 6.06
C ARG A 385 8.48 -0.27 6.05
N THR A 386 8.66 -0.84 7.24
CA THR A 386 8.60 -2.31 7.45
C THR A 386 7.14 -2.75 7.34
N TYR A 387 6.90 -3.84 6.61
CA TYR A 387 5.55 -4.41 6.40
C TYR A 387 5.56 -5.87 6.89
N TPO A 388 4.45 -6.57 6.67
CA TPO A 388 4.35 -7.94 7.09
CB TPO A 388 3.05 -8.54 6.56
CG2 TPO A 388 2.84 -9.97 7.01
OG1 TPO A 388 1.98 -7.68 7.05
P TPO A 388 1.15 -6.75 6.01
O1P TPO A 388 2.15 -5.96 5.24
O2P TPO A 388 0.38 -7.72 5.11
O3P TPO A 388 0.26 -5.89 6.88
C TPO A 388 5.59 -8.74 6.70
O TPO A 388 6.04 -8.69 5.54
N HIS A 389 6.11 -9.49 7.68
CA HIS A 389 7.44 -10.06 7.63
C HIS A 389 7.47 -11.23 6.65
N GLU A 390 6.51 -12.13 6.77
CA GLU A 390 6.50 -13.41 6.03
C GLU A 390 5.40 -13.22 5.00
N VAL A 391 5.81 -12.98 3.75
CA VAL A 391 4.88 -12.75 2.62
C VAL A 391 5.39 -13.56 1.44
N VAL A 392 4.49 -13.78 0.49
CA VAL A 392 4.67 -14.49 -0.80
C VAL A 392 4.61 -16.00 -0.54
N THR A 393 3.86 -16.71 -1.37
CA THR A 393 3.78 -18.19 -1.36
C THR A 393 5.22 -18.70 -1.39
N LEU A 394 5.55 -19.68 -0.56
CA LEU A 394 6.93 -20.10 -0.23
C LEU A 394 7.73 -20.29 -1.52
N TRP A 395 7.24 -21.06 -2.48
CA TRP A 395 8.03 -21.39 -3.69
C TRP A 395 8.38 -20.15 -4.53
N TYR A 396 7.67 -19.03 -4.34
CA TYR A 396 7.83 -17.80 -5.18
C TYR A 396 8.51 -16.70 -4.34
N ARG A 397 8.92 -17.04 -3.11
CA ARG A 397 9.38 -16.06 -2.08
C ARG A 397 10.85 -15.68 -2.30
N ALA A 398 11.13 -14.39 -2.40
CA ALA A 398 12.48 -13.84 -2.67
C ALA A 398 13.41 -14.10 -1.48
N PRO A 399 14.73 -14.23 -1.71
CA PRO A 399 15.66 -14.54 -0.63
C PRO A 399 15.77 -13.44 0.44
N GLU A 400 15.57 -12.16 0.11
CA GLU A 400 15.63 -11.06 1.10
C GLU A 400 14.53 -11.28 2.16
N ILE A 401 13.40 -11.87 1.80
CA ILE A 401 12.33 -12.22 2.77
C ILE A 401 12.77 -13.44 3.59
N LEU A 402 13.29 -14.47 2.94
CA LEU A 402 13.77 -15.72 3.61
C LEU A 402 14.86 -15.35 4.63
N LEU A 403 15.71 -14.38 4.32
CA LEU A 403 16.81 -13.97 5.24
C LEU A 403 16.36 -12.90 6.23
N GLY A 404 15.07 -12.54 6.25
CA GLY A 404 14.46 -11.68 7.26
C GLY A 404 14.90 -10.22 7.15
N SER A 405 15.20 -9.70 5.95
CA SER A 405 15.46 -8.26 5.76
C SER A 405 14.32 -7.43 6.36
N LYS A 406 14.67 -6.32 6.98
CA LYS A 406 13.75 -5.34 7.61
C LYS A 406 12.88 -4.69 6.54
N PHE A 407 13.48 -4.30 5.42
CA PHE A 407 12.82 -3.67 4.26
C PHE A 407 12.82 -4.69 3.14
N TYR A 408 11.71 -4.75 2.40
CA TYR A 408 11.63 -5.30 1.05
C TYR A 408 10.85 -4.31 0.19
N THR A 409 11.08 -4.39 -1.12
CA THR A 409 10.62 -3.43 -2.12
C THR A 409 9.83 -4.17 -3.20
N THR A 410 9.52 -3.46 -4.28
CA THR A 410 8.90 -3.98 -5.51
C THR A 410 9.72 -5.17 -6.05
N ALA A 411 10.99 -5.25 -5.67
CA ALA A 411 11.90 -6.33 -6.11
C ALA A 411 11.30 -7.70 -5.75
N VAL A 412 10.53 -7.84 -4.66
CA VAL A 412 10.01 -9.19 -4.28
C VAL A 412 9.06 -9.68 -5.38
N ASP A 413 8.35 -8.78 -6.07
CA ASP A 413 7.44 -9.14 -7.18
C ASP A 413 8.27 -9.67 -8.36
N ILE A 414 9.39 -9.02 -8.66
CA ILE A 414 10.26 -9.39 -9.82
C ILE A 414 10.83 -10.79 -9.58
N TRP A 415 11.23 -11.10 -8.35
CA TRP A 415 11.71 -12.46 -8.01
C TRP A 415 10.63 -13.47 -8.42
N SER A 416 9.38 -13.21 -7.99
CA SER A 416 8.26 -14.14 -8.25
C SER A 416 8.13 -14.32 -9.76
N ILE A 417 8.26 -13.24 -10.52
CA ILE A 417 8.14 -13.29 -11.99
C ILE A 417 9.25 -14.19 -12.56
N GLY A 418 10.50 -14.00 -12.13
CA GLY A 418 11.61 -14.90 -12.48
C GLY A 418 11.22 -16.36 -12.28
N CYS A 419 10.66 -16.71 -11.11
CA CYS A 419 10.24 -18.09 -10.78
C CYS A 419 9.16 -18.54 -11.75
N ILE A 420 8.21 -17.64 -12.10
CA ILE A 420 7.07 -17.97 -13.00
C ILE A 420 7.58 -18.20 -14.44
N PHE A 421 8.51 -17.38 -14.91
CA PHE A 421 9.16 -17.52 -16.23
C PHE A 421 9.78 -18.93 -16.35
N ALA A 422 10.63 -19.32 -15.39
CA ALA A 422 11.29 -20.64 -15.39
C ALA A 422 10.24 -21.75 -15.39
N GLU A 423 9.17 -21.60 -14.60
CA GLU A 423 8.08 -22.61 -14.48
C GLU A 423 7.33 -22.75 -15.83
N MET A 424 7.19 -21.68 -16.61
CA MET A 424 6.52 -21.75 -17.94
C MET A 424 7.41 -22.56 -18.88
N VAL A 425 8.73 -22.41 -18.77
CA VAL A 425 9.69 -23.04 -19.72
C VAL A 425 9.88 -24.52 -19.38
N THR A 426 9.93 -24.89 -18.09
CA THR A 426 10.29 -26.24 -17.58
C THR A 426 9.05 -27.05 -17.22
N ARG A 427 7.88 -26.41 -17.10
CA ARG A 427 6.58 -27.04 -16.77
C ARG A 427 6.46 -27.35 -15.26
N LYS A 428 7.49 -27.10 -14.45
CA LYS A 428 7.43 -27.35 -12.98
C LYS A 428 8.03 -26.17 -12.18
N ALA A 429 7.68 -26.05 -10.90
CA ALA A 429 8.20 -25.00 -9.98
C ALA A 429 9.73 -25.03 -10.01
N LEU A 430 10.38 -23.87 -10.11
CA LEU A 430 11.86 -23.76 -10.10
C LEU A 430 12.39 -24.19 -8.72
N PHE A 431 11.77 -23.72 -7.62
CA PHE A 431 12.27 -23.92 -6.23
C PHE A 431 11.14 -24.42 -5.34
N PRO A 432 10.77 -25.71 -5.44
CA PRO A 432 9.65 -26.26 -4.65
C PRO A 432 10.10 -26.68 -3.24
N GLY A 433 10.49 -25.72 -2.40
CA GLY A 433 10.94 -25.98 -1.02
C GLY A 433 9.82 -26.50 -0.13
N ASP A 434 10.17 -27.24 0.93
CA ASP A 434 9.19 -27.74 1.95
C ASP A 434 9.35 -26.96 3.27
N SER A 435 10.17 -25.90 3.30
CA SER A 435 10.44 -25.09 4.51
C SER A 435 11.24 -23.86 4.09
N GLU A 436 11.35 -22.85 4.96
CA GLU A 436 12.13 -21.64 4.66
C GLU A 436 13.59 -22.05 4.37
N ILE A 437 14.19 -22.87 5.23
CA ILE A 437 15.63 -23.24 5.07
C ILE A 437 15.76 -24.10 3.80
N ASP A 438 14.85 -25.04 3.55
CA ASP A 438 14.90 -25.86 2.31
C ASP A 438 14.80 -24.95 1.10
N GLN A 439 13.91 -23.96 1.19
CA GLN A 439 13.67 -22.98 0.08
C GLN A 439 14.97 -22.24 -0.18
N LEU A 440 15.57 -21.72 0.88
CA LEU A 440 16.84 -20.98 0.82
C LEU A 440 17.93 -21.86 0.18
N PHE A 441 18.01 -23.13 0.58
CA PHE A 441 19.06 -24.09 0.11
C PHE A 441 18.84 -24.38 -1.37
N ARG A 442 17.59 -24.65 -1.79
CA ARG A 442 17.31 -24.90 -3.23
C ARG A 442 17.77 -23.70 -4.07
N ILE A 443 17.57 -22.46 -3.59
CA ILE A 443 18.01 -21.25 -4.35
C ILE A 443 19.54 -21.20 -4.45
N PHE A 444 20.23 -21.36 -3.31
CA PHE A 444 21.72 -21.34 -3.23
C PHE A 444 22.31 -22.44 -4.12
N ARG A 445 21.75 -23.65 -4.10
CA ARG A 445 22.22 -24.77 -4.96
C ARG A 445 22.25 -24.29 -6.42
N MET A 446 21.20 -23.60 -6.89
CA MET A 446 21.09 -23.19 -8.31
C MET A 446 21.94 -21.95 -8.60
N LEU A 447 21.91 -20.94 -7.74
CA LEU A 447 22.49 -19.59 -8.04
C LEU A 447 23.83 -19.39 -7.34
N GLY A 448 24.20 -20.34 -6.47
CA GLY A 448 25.42 -20.24 -5.64
C GLY A 448 25.10 -19.52 -4.36
N THR A 449 25.85 -19.77 -3.29
CA THR A 449 25.61 -19.16 -1.97
C THR A 449 26.04 -17.70 -2.04
N PRO A 450 25.16 -16.75 -1.70
CA PRO A 450 25.52 -15.34 -1.79
C PRO A 450 26.70 -15.07 -0.85
N SER A 451 27.52 -14.08 -1.18
CA SER A 451 28.65 -13.59 -0.35
C SER A 451 28.53 -12.07 -0.21
N GLU A 452 29.33 -11.45 0.65
CA GLU A 452 29.44 -9.95 0.74
C GLU A 452 29.83 -9.38 -0.62
N ASP A 453 30.46 -10.20 -1.47
CA ASP A 453 30.98 -9.78 -2.79
C ASP A 453 29.83 -9.71 -3.81
N THR A 454 28.95 -10.72 -3.84
CA THR A 454 27.83 -10.84 -4.81
C THR A 454 26.55 -10.18 -4.27
N TRP A 455 26.50 -9.87 -2.96
CA TRP A 455 25.31 -9.33 -2.25
C TRP A 455 25.77 -8.63 -0.97
N PRO A 456 26.23 -7.38 -1.09
CA PRO A 456 26.67 -6.59 0.06
C PRO A 456 25.61 -6.41 1.16
N GLY A 457 25.97 -6.80 2.38
CA GLY A 457 25.13 -6.69 3.59
C GLY A 457 24.49 -8.02 3.93
N VAL A 458 24.67 -9.02 3.07
CA VAL A 458 23.89 -10.30 3.20
C VAL A 458 24.24 -10.97 4.54
N THR A 459 25.51 -10.91 4.96
CA THR A 459 26.03 -11.60 6.19
C THR A 459 25.41 -10.94 7.42
N GLN A 460 25.03 -9.66 7.30
CA GLN A 460 24.38 -8.84 8.36
C GLN A 460 22.87 -9.14 8.45
N LEU A 461 22.30 -9.93 7.55
CA LEU A 461 20.83 -10.14 7.52
C LEU A 461 20.43 -11.07 8.66
N PRO A 462 19.32 -10.76 9.36
CA PRO A 462 18.94 -11.48 10.58
C PRO A 462 18.95 -13.01 10.60
N ASP A 463 18.52 -13.69 9.54
CA ASP A 463 18.38 -15.19 9.51
C ASP A 463 19.50 -15.77 8.63
N TYR A 464 20.49 -14.95 8.28
CA TYR A 464 21.78 -15.42 7.69
C TYR A 464 22.58 -16.16 8.77
N LYS A 465 23.33 -17.18 8.35
CA LYS A 465 24.19 -18.03 9.22
C LYS A 465 25.47 -18.38 8.45
N GLY A 466 26.64 -18.17 9.06
CA GLY A 466 27.94 -18.57 8.51
C GLY A 466 27.97 -20.04 8.13
N SER A 467 27.11 -20.84 8.79
CA SER A 467 27.00 -22.33 8.68
C SER A 467 26.30 -22.77 7.38
N PHE A 468 25.89 -21.85 6.51
CA PHE A 468 25.34 -22.19 5.17
C PHE A 468 26.44 -22.83 4.33
N PRO A 469 26.17 -23.99 3.68
CA PRO A 469 27.06 -24.53 2.66
C PRO A 469 27.40 -23.50 1.59
N LYS A 470 28.59 -23.59 0.99
CA LYS A 470 29.06 -22.64 -0.04
C LYS A 470 28.98 -23.36 -1.39
N TRP A 471 27.75 -23.60 -1.86
CA TRP A 471 27.43 -24.08 -3.22
C TRP A 471 27.91 -23.05 -4.23
N THR A 472 28.08 -23.48 -5.47
CA THR A 472 28.65 -22.67 -6.59
C THR A 472 27.58 -22.58 -7.69
N ARG A 473 27.50 -21.44 -8.38
CA ARG A 473 26.41 -21.10 -9.35
C ARG A 473 26.39 -22.13 -10.50
N LYS A 474 25.30 -22.90 -10.63
CA LYS A 474 25.03 -23.76 -11.82
C LYS A 474 24.86 -22.86 -13.06
N GLY A 475 25.36 -23.29 -14.23
CA GLY A 475 25.08 -22.64 -15.53
C GLY A 475 23.61 -22.74 -15.86
N LEU A 476 23.00 -21.67 -16.40
CA LEU A 476 21.52 -21.61 -16.56
C LEU A 476 21.06 -22.43 -17.77
N GLU A 477 21.91 -22.55 -18.79
CA GLU A 477 21.60 -23.33 -20.03
C GLU A 477 21.17 -24.75 -19.64
N GLU A 478 21.69 -25.30 -18.53
CA GLU A 478 21.39 -26.69 -18.11
C GLU A 478 19.95 -26.79 -17.58
N ILE A 479 19.42 -25.70 -16.99
CA ILE A 479 18.08 -25.67 -16.34
C ILE A 479 16.99 -25.38 -17.39
N VAL A 480 17.25 -24.44 -18.29
CA VAL A 480 16.26 -23.97 -19.30
C VAL A 480 16.92 -24.03 -20.69
N PRO A 481 17.27 -25.24 -21.18
CA PRO A 481 18.02 -25.38 -22.42
C PRO A 481 17.24 -24.95 -23.68
N ASN A 482 15.91 -25.14 -23.70
CA ASN A 482 15.03 -24.82 -24.86
C ASN A 482 14.74 -23.32 -24.92
N LEU A 483 15.12 -22.56 -23.88
CA LEU A 483 14.95 -21.09 -23.83
C LEU A 483 16.07 -20.42 -24.64
N GLU A 484 15.72 -19.47 -25.51
CA GLU A 484 16.67 -18.69 -26.35
C GLU A 484 17.63 -17.91 -25.45
N PRO A 485 18.89 -17.68 -25.87
CA PRO A 485 19.89 -17.05 -25.01
C PRO A 485 19.46 -15.71 -24.36
N GLU A 486 18.66 -14.91 -25.06
CA GLU A 486 18.27 -13.58 -24.55
CA GLU A 486 18.21 -13.57 -24.61
C GLU A 486 17.22 -13.79 -23.45
N GLY A 487 16.43 -14.85 -23.54
CA GLY A 487 15.48 -15.26 -22.49
C GLY A 487 16.22 -15.67 -21.23
N ARG A 488 17.31 -16.42 -21.37
CA ARG A 488 18.14 -16.91 -20.24
C ARG A 488 18.81 -15.71 -19.57
N ASP A 489 19.35 -14.77 -20.34
CA ASP A 489 19.88 -13.51 -19.79
C ASP A 489 18.78 -12.86 -18.93
N LEU A 490 17.56 -12.74 -19.46
CA LEU A 490 16.48 -12.02 -18.75
C LEU A 490 16.18 -12.77 -17.44
N LEU A 491 16.03 -14.09 -17.50
CA LEU A 491 15.76 -14.97 -16.33
C LEU A 491 16.81 -14.72 -15.24
N MET A 492 18.05 -14.63 -15.65
CA MET A 492 19.20 -14.45 -14.73
C MET A 492 19.08 -13.08 -14.05
N GLN A 493 18.71 -12.03 -14.78
CA GLN A 493 18.52 -10.67 -14.17
C GLN A 493 17.30 -10.69 -13.24
N LEU A 494 16.24 -11.41 -13.58
CA LEU A 494 15.04 -11.50 -12.71
C LEU A 494 15.40 -12.21 -11.41
N LEU A 495 16.31 -13.18 -11.43
CA LEU A 495 16.62 -14.00 -10.23
C LEU A 495 17.96 -13.59 -9.62
N GLN A 496 18.36 -12.33 -9.74
CA GLN A 496 19.44 -11.72 -8.92
C GLN A 496 19.05 -11.82 -7.44
N TYR A 497 19.88 -12.38 -6.58
CA TYR A 497 19.49 -12.55 -5.16
C TYR A 497 19.66 -11.21 -4.43
N ASP A 498 20.46 -10.25 -4.92
CA ASP A 498 20.58 -8.92 -4.28
C ASP A 498 19.43 -8.04 -4.79
N PRO A 499 18.43 -7.74 -3.94
CA PRO A 499 17.26 -6.98 -4.39
C PRO A 499 17.65 -5.62 -4.97
N SER A 500 18.82 -5.09 -4.58
CA SER A 500 19.39 -3.79 -5.05
C SER A 500 19.81 -3.88 -6.51
N GLN A 501 20.26 -5.05 -6.95
CA GLN A 501 20.80 -5.28 -8.32
C GLN A 501 19.72 -5.92 -9.21
N ARG A 502 18.59 -6.34 -8.62
CA ARG A 502 17.54 -7.05 -9.37
C ARG A 502 16.90 -6.06 -10.39
N ILE A 503 16.79 -6.50 -11.64
CA ILE A 503 16.16 -5.70 -12.71
C ILE A 503 14.74 -5.31 -12.25
N THR A 504 14.27 -4.14 -12.67
CA THR A 504 12.88 -3.71 -12.43
C THR A 504 12.00 -4.22 -13.56
N ALA A 505 10.68 -4.19 -13.38
CA ALA A 505 9.72 -4.59 -14.43
C ALA A 505 9.92 -3.66 -15.64
N LYS A 506 10.03 -2.35 -15.40
CA LYS A 506 10.21 -1.35 -16.48
C LYS A 506 11.43 -1.74 -17.32
N THR A 507 12.58 -2.01 -16.68
CA THR A 507 13.81 -2.34 -17.43
C THR A 507 13.61 -3.67 -18.15
N ALA A 508 12.96 -4.65 -17.51
CA ALA A 508 12.75 -5.99 -18.11
C ALA A 508 11.97 -5.86 -19.43
N LEU A 509 11.05 -4.91 -19.51
CA LEU A 509 10.17 -4.73 -20.68
C LEU A 509 11.01 -4.22 -21.87
N ALA A 510 12.14 -3.55 -21.61
CA ALA A 510 13.08 -3.00 -22.63
C ALA A 510 14.12 -4.06 -23.02
N HIS A 511 14.09 -5.25 -22.41
CA HIS A 511 15.11 -6.31 -22.67
C HIS A 511 15.01 -6.81 -24.10
N PRO A 512 16.17 -7.13 -24.74
CA PRO A 512 16.21 -7.73 -26.08
C PRO A 512 15.36 -8.99 -26.34
N TYR A 513 15.15 -9.82 -25.33
CA TYR A 513 14.26 -11.00 -25.40
C TYR A 513 12.93 -10.61 -26.06
N PHE A 514 12.43 -9.40 -25.80
CA PHE A 514 11.11 -8.90 -26.27
C PHE A 514 11.22 -8.17 -27.62
N SER A 515 12.41 -7.70 -28.02
CA SER A 515 12.68 -7.01 -29.32
C SER A 515 12.41 -7.94 -30.50
N SER A 516 11.89 -7.37 -31.59
CA SER A 516 11.74 -7.99 -32.93
C SER A 516 12.94 -7.60 -33.80
N ARG B 28 3.15 21.52 -11.68
CA ARG B 28 4.46 21.55 -10.98
C ARG B 28 5.31 20.34 -11.45
N GLY B 29 6.57 20.59 -11.84
CA GLY B 29 7.58 19.57 -12.23
C GLY B 29 7.89 18.60 -11.08
N SER B 30 8.45 17.41 -11.40
CA SER B 30 8.70 16.32 -10.41
C SER B 30 9.96 16.60 -9.60
N PRO B 31 9.87 16.61 -8.25
CA PRO B 31 11.05 16.73 -7.40
C PRO B 31 11.79 15.40 -7.26
N LEU B 32 11.26 14.32 -7.86
CA LEU B 32 11.84 12.96 -7.67
C LEU B 32 13.10 12.80 -8.51
N PRO B 33 14.06 11.99 -8.07
CA PRO B 33 15.19 11.65 -8.93
C PRO B 33 14.72 10.67 -10.00
N VAL B 34 15.60 10.40 -10.97
CA VAL B 34 15.43 9.28 -11.93
C VAL B 34 15.20 8.03 -11.08
N LEU B 35 14.17 7.24 -11.40
CA LEU B 35 13.86 5.96 -10.73
C LEU B 35 14.16 4.80 -11.69
N SER B 36 14.74 3.73 -11.16
CA SER B 36 14.98 2.46 -11.89
C SER B 36 13.63 1.78 -12.18
N TRP B 37 12.62 1.96 -11.31
CA TRP B 37 11.40 1.11 -11.23
C TRP B 37 10.20 1.78 -11.91
N ALA B 38 10.34 3.02 -12.38
CA ALA B 38 9.23 3.74 -13.04
C ALA B 38 9.78 4.99 -13.70
N ASN B 39 8.97 5.61 -14.56
CA ASN B 39 9.20 7.00 -15.02
C ASN B 39 8.80 7.91 -13.86
N ARG B 40 9.78 8.63 -13.30
CA ARG B 40 9.61 9.61 -12.21
C ARG B 40 8.49 10.61 -12.52
N GLU B 41 8.23 10.95 -13.79
CA GLU B 41 7.23 11.98 -14.15
C GLU B 41 5.83 11.34 -14.12
N GLU B 42 5.71 10.08 -14.52
CA GLU B 42 4.44 9.31 -14.46
C GLU B 42 4.07 9.11 -12.97
N VAL B 43 5.02 8.61 -12.17
CA VAL B 43 4.85 8.32 -10.71
C VAL B 43 4.28 9.58 -10.05
N TRP B 44 4.86 10.74 -10.37
CA TRP B 44 4.40 12.05 -9.85
C TRP B 44 3.00 12.41 -10.39
N LYS B 45 2.77 12.23 -11.69
CA LYS B 45 1.47 12.55 -12.32
C LYS B 45 0.38 11.75 -11.58
N ILE B 46 0.65 10.46 -11.36
CA ILE B 46 -0.28 9.52 -10.66
C ILE B 46 -0.54 10.05 -9.25
N MET B 47 0.52 10.42 -8.51
CA MET B 47 0.33 11.00 -7.15
C MET B 47 -0.47 12.30 -7.25
N LEU B 48 -0.18 13.17 -8.21
CA LEU B 48 -0.93 14.46 -8.29
C LEU B 48 -2.39 14.16 -8.65
N ASN B 49 -2.68 13.12 -9.42
CA ASN B 49 -4.08 12.79 -9.83
CA ASN B 49 -4.08 12.84 -9.85
C ASN B 49 -4.91 12.37 -8.62
N LYS B 50 -4.27 11.84 -7.57
CA LYS B 50 -4.96 11.45 -6.31
C LYS B 50 -5.63 12.65 -5.66
N GLU B 51 -4.94 13.78 -5.61
CA GLU B 51 -5.44 15.03 -4.96
C GLU B 51 -6.63 15.53 -5.77
N LYS B 52 -6.72 15.18 -7.04
CA LYS B 52 -7.88 15.53 -7.90
C LYS B 52 -9.03 14.56 -7.63
N THR B 53 -8.74 13.27 -7.39
CA THR B 53 -9.75 12.19 -7.19
C THR B 53 -10.35 12.21 -5.78
N TYR B 54 -9.56 12.61 -4.78
CA TYR B 54 -9.94 12.59 -3.34
C TYR B 54 -10.26 14.04 -2.94
N LEU B 55 -11.53 14.34 -2.73
CA LEU B 55 -12.02 15.72 -2.56
C LEU B 55 -12.17 15.99 -1.07
N ARG B 56 -11.98 17.24 -0.69
CA ARG B 56 -12.14 17.72 0.69
CA ARG B 56 -12.12 17.73 0.70
C ARG B 56 -13.00 18.98 0.64
N ASP B 57 -13.75 19.26 1.69
CA ASP B 57 -14.66 20.42 1.71
C ASP B 57 -14.57 21.05 3.11
N GLN B 58 -13.89 22.18 3.17
CA GLN B 58 -13.68 22.97 4.42
CA GLN B 58 -13.68 23.00 4.39
C GLN B 58 -15.04 23.42 4.97
N HIS B 59 -16.10 23.36 4.16
CA HIS B 59 -17.45 23.79 4.59
C HIS B 59 -18.38 22.60 4.85
N PHE B 60 -17.91 21.34 4.89
CA PHE B 60 -18.80 20.17 5.04
C PHE B 60 -19.72 20.31 6.27
N LEU B 61 -19.32 21.00 7.34
CA LEU B 61 -20.20 21.09 8.54
C LEU B 61 -21.45 21.97 8.29
N GLU B 62 -21.50 22.73 7.19
CA GLU B 62 -22.76 23.44 6.81
C GLU B 62 -23.87 22.41 6.51
N GLN B 63 -23.52 21.17 6.17
CA GLN B 63 -24.50 20.07 5.94
C GLN B 63 -24.94 19.48 7.28
N HIS B 64 -24.27 19.85 8.36
CA HIS B 64 -24.59 19.41 9.74
C HIS B 64 -24.74 20.65 10.60
N PRO B 65 -25.80 21.44 10.39
CA PRO B 65 -25.78 22.85 10.81
C PRO B 65 -25.71 23.10 12.33
N LEU B 66 -26.06 22.12 13.18
CA LEU B 66 -25.93 22.31 14.65
C LEU B 66 -24.62 21.71 15.19
N LEU B 67 -23.77 21.16 14.35
CA LEU B 67 -22.40 20.74 14.75
C LEU B 67 -21.50 21.99 14.74
N GLN B 68 -20.51 22.03 15.61
CA GLN B 68 -19.52 23.13 15.66
C GLN B 68 -18.16 22.55 15.31
N PRO B 69 -17.30 23.33 14.60
CA PRO B 69 -15.96 22.84 14.24
C PRO B 69 -15.13 22.29 15.42
N LYS B 70 -15.36 22.81 16.61
CA LYS B 70 -14.68 22.37 17.86
C LYS B 70 -14.99 20.88 18.10
N MET B 71 -16.18 20.41 17.69
CA MET B 71 -16.57 19.00 17.86
C MET B 71 -15.66 18.10 17.00
N ARG B 72 -15.30 18.54 15.80
CA ARG B 72 -14.37 17.83 14.90
C ARG B 72 -12.98 17.83 15.55
N ALA B 73 -12.56 18.97 16.07
CA ALA B 73 -11.25 19.13 16.77
C ALA B 73 -11.17 18.13 17.91
N ILE B 74 -12.19 18.08 18.75
CA ILE B 74 -12.22 17.18 19.95
C ILE B 74 -12.18 15.73 19.47
N LEU B 75 -12.95 15.40 18.46
CA LEU B 75 -12.96 14.00 17.99
C LEU B 75 -11.58 13.61 17.42
N LEU B 76 -10.97 14.43 16.57
CA LEU B 76 -9.68 14.04 15.95
C LEU B 76 -8.55 14.01 16.98
N ASP B 77 -8.54 14.96 17.92
CA ASP B 77 -7.58 14.99 19.03
C ASP B 77 -7.69 13.67 19.83
N TRP B 78 -8.91 13.21 20.08
CA TRP B 78 -9.18 11.96 20.82
C TRP B 78 -8.65 10.76 20.03
N LEU B 79 -8.82 10.75 18.69
CA LEU B 79 -8.31 9.64 17.83
C LEU B 79 -6.78 9.63 17.90
N MET B 80 -6.16 10.80 17.94
CA MET B 80 -4.67 10.87 18.04
C MET B 80 -4.29 10.24 19.39
N GLU B 81 -5.02 10.53 20.46
CA GLU B 81 -4.77 9.92 21.79
C GLU B 81 -4.91 8.39 21.70
N VAL B 82 -5.99 7.89 21.10
CA VAL B 82 -6.15 6.42 20.96
C VAL B 82 -4.94 5.85 20.21
N CYS B 83 -4.52 6.51 19.12
CA CYS B 83 -3.38 6.07 18.29
C CYS B 83 -2.12 5.94 19.15
N GLU B 84 -1.85 6.92 20.00
CA GLU B 84 -0.60 6.88 20.79
C GLU B 84 -0.70 5.71 21.78
N VAL B 85 -1.86 5.51 22.40
CA VAL B 85 -2.07 4.42 23.40
C VAL B 85 -1.76 3.06 22.75
N TYR B 86 -2.18 2.86 21.51
CA TYR B 86 -2.08 1.57 20.80
C TYR B 86 -0.89 1.59 19.84
N LYS B 87 -0.07 2.64 19.88
CA LYS B 87 1.15 2.72 19.01
C LYS B 87 0.80 2.60 17.52
N LEU B 88 -0.33 3.16 17.09
CA LEU B 88 -0.71 3.15 15.65
C LEU B 88 0.19 4.13 14.88
N HIS B 89 0.42 3.87 13.59
CA HIS B 89 1.21 4.74 12.70
C HIS B 89 0.51 6.07 12.47
N ARG B 90 1.28 7.11 12.20
CA ARG B 90 0.74 8.45 11.84
C ARG B 90 -0.14 8.27 10.57
N GLU B 91 0.28 7.40 9.65
CA GLU B 91 -0.46 7.06 8.40
C GLU B 91 -1.86 6.60 8.78
N THR B 92 -2.00 5.77 9.81
CA THR B 92 -3.29 5.23 10.27
C THR B 92 -4.16 6.38 10.77
N PHE B 93 -3.60 7.28 11.57
CA PHE B 93 -4.38 8.43 12.07
C PHE B 93 -4.86 9.27 10.87
N TYR B 94 -4.00 9.58 9.91
CA TYR B 94 -4.34 10.51 8.80
C TYR B 94 -5.31 9.82 7.82
N LEU B 95 -5.23 8.49 7.67
CA LEU B 95 -6.26 7.74 6.91
C LEU B 95 -7.60 7.95 7.62
N ALA B 96 -7.64 7.76 8.93
CA ALA B 96 -8.88 7.88 9.72
C ALA B 96 -9.44 9.31 9.56
N GLN B 97 -8.57 10.33 9.66
CA GLN B 97 -8.97 11.76 9.57
C GLN B 97 -9.62 11.99 8.19
N ASP B 98 -8.98 11.53 7.13
CA ASP B 98 -9.46 11.64 5.74
C ASP B 98 -10.79 10.90 5.58
N PHE B 99 -10.90 9.67 6.09
CA PHE B 99 -12.15 8.90 6.00
C PHE B 99 -13.26 9.69 6.69
N PHE B 100 -12.99 10.20 7.88
CA PHE B 100 -14.00 10.93 8.71
C PHE B 100 -14.47 12.16 7.93
N ASP B 101 -13.55 12.98 7.46
CA ASP B 101 -13.85 14.24 6.75
C ASP B 101 -14.59 13.94 5.44
N ARG B 102 -14.12 12.95 4.65
CA ARG B 102 -14.82 12.62 3.38
C ARG B 102 -16.21 12.02 3.67
N TYR B 103 -16.34 11.18 4.69
CA TYR B 103 -17.65 10.54 5.00
C TYR B 103 -18.66 11.60 5.44
N MET B 104 -18.26 12.53 6.31
CA MET B 104 -19.18 13.57 6.84
C MET B 104 -19.64 14.45 5.68
N ALA B 105 -18.77 14.71 4.71
CA ALA B 105 -19.09 15.50 3.50
C ALA B 105 -20.14 14.74 2.65
N THR B 106 -20.27 13.41 2.76
CA THR B 106 -21.29 12.63 2.00
C THR B 106 -22.63 12.56 2.78
N GLN B 107 -22.72 13.04 4.02
CA GLN B 107 -23.93 12.86 4.86
C GLN B 107 -24.50 14.22 5.24
N GLU B 108 -25.63 14.21 5.94
CA GLU B 108 -26.33 15.45 6.37
C GLU B 108 -26.90 15.24 7.76
N ASN B 109 -26.92 16.28 8.56
CA ASN B 109 -27.74 16.32 9.80
C ASN B 109 -27.29 15.23 10.79
N VAL B 110 -26.01 14.87 10.80
CA VAL B 110 -25.49 13.85 11.77
C VAL B 110 -25.56 14.45 13.17
N VAL B 111 -26.18 13.77 14.11
CA VAL B 111 -26.25 14.24 15.53
C VAL B 111 -24.84 14.12 16.17
N LYS B 112 -24.48 15.05 17.05
CA LYS B 112 -23.11 15.13 17.67
C LYS B 112 -22.79 13.86 18.45
N THR B 113 -23.79 13.12 18.93
CA THR B 113 -23.61 11.90 19.76
C THR B 113 -23.09 10.74 18.90
N LEU B 114 -23.05 10.88 17.58
CA LEU B 114 -22.58 9.77 16.71
C LEU B 114 -21.16 10.04 16.20
N LEU B 115 -20.58 11.23 16.46
CA LEU B 115 -19.23 11.57 15.94
C LEU B 115 -18.20 10.55 16.46
N GLN B 116 -18.35 10.16 17.73
CA GLN B 116 -17.39 9.22 18.34
C GLN B 116 -17.42 7.91 17.55
N LEU B 117 -18.60 7.36 17.28
CA LEU B 117 -18.77 6.09 16.52
C LEU B 117 -18.17 6.22 15.11
N ILE B 118 -18.42 7.34 14.43
CA ILE B 118 -17.91 7.58 13.06
C ILE B 118 -16.38 7.64 13.10
N GLY B 119 -15.83 8.35 14.09
CA GLY B 119 -14.38 8.51 14.22
C GLY B 119 -13.68 7.20 14.53
N ILE B 120 -14.17 6.44 15.52
CA ILE B 120 -13.52 5.17 15.95
C ILE B 120 -13.69 4.12 14.84
N SER B 121 -14.80 4.15 14.09
CA SER B 121 -15.02 3.23 12.94
C SER B 121 -14.08 3.60 11.80
N SER B 122 -13.86 4.90 11.56
CA SER B 122 -12.87 5.37 10.55
C SER B 122 -11.49 4.84 10.93
N LEU B 123 -11.12 4.91 12.20
CA LEU B 123 -9.79 4.46 12.67
C LEU B 123 -9.71 2.92 12.60
N PHE B 124 -10.80 2.20 12.85
CA PHE B 124 -10.82 0.72 12.72
C PHE B 124 -10.51 0.32 11.29
N ILE B 125 -11.17 0.98 10.34
CA ILE B 125 -10.93 0.72 8.89
C ILE B 125 -9.46 1.04 8.61
N ALA B 126 -8.98 2.22 9.01
CA ALA B 126 -7.59 2.64 8.73
C ALA B 126 -6.61 1.63 9.31
N ALA B 127 -6.87 1.17 10.52
CA ALA B 127 -5.95 0.26 11.24
C ALA B 127 -5.88 -1.07 10.48
N LYS B 128 -7.03 -1.61 10.07
CA LYS B 128 -7.02 -2.89 9.31
C LYS B 128 -6.27 -2.71 7.99
N LEU B 129 -6.37 -1.53 7.38
CA LEU B 129 -5.67 -1.27 6.09
C LEU B 129 -4.18 -1.24 6.34
N GLU B 130 -3.75 -0.49 7.35
CA GLU B 130 -2.37 0.05 7.39
C GLU B 130 -1.48 -0.75 8.35
N GLU B 131 -2.02 -1.24 9.48
CA GLU B 131 -1.19 -1.93 10.51
C GLU B 131 -0.99 -3.40 10.10
N ILE B 132 0.12 -3.99 10.51
CA ILE B 132 0.40 -5.46 10.43
C ILE B 132 -0.53 -6.21 11.41
N TYR B 133 -0.47 -5.85 12.69
CA TYR B 133 -1.29 -6.46 13.76
C TYR B 133 -2.11 -5.35 14.41
N PRO B 134 -3.25 -4.97 13.78
CA PRO B 134 -4.08 -3.90 14.31
C PRO B 134 -4.71 -4.36 15.62
N PRO B 135 -5.15 -3.45 16.49
CA PRO B 135 -5.91 -3.87 17.66
C PRO B 135 -7.18 -4.58 17.17
N LYS B 136 -7.68 -5.50 17.98
CA LYS B 136 -8.98 -6.19 17.77
C LYS B 136 -10.12 -5.21 17.93
N LEU B 137 -11.24 -5.56 17.33
CA LEU B 137 -12.51 -4.80 17.47
C LEU B 137 -12.77 -4.44 18.94
N HIS B 138 -12.58 -5.38 19.85
CA HIS B 138 -12.91 -5.20 21.29
C HIS B 138 -12.13 -3.98 21.85
N GLN B 139 -10.94 -3.64 21.32
CA GLN B 139 -10.17 -2.48 21.84
C GLN B 139 -10.78 -1.17 21.30
N PHE B 140 -11.23 -1.16 20.05
CA PHE B 140 -11.94 -0.01 19.45
C PHE B 140 -13.21 0.26 20.25
N ALA B 141 -13.99 -0.76 20.62
CA ALA B 141 -15.16 -0.59 21.52
C ALA B 141 -14.66 -0.13 22.89
N TYR B 142 -13.61 -0.77 23.40
CA TYR B 142 -13.19 -0.53 24.81
C TYR B 142 -12.91 0.95 24.98
N VAL B 143 -12.18 1.57 24.05
CA VAL B 143 -11.66 2.97 24.29
C VAL B 143 -12.81 3.95 24.27
N THR B 144 -14.02 3.55 23.89
CA THR B 144 -15.20 4.47 23.86
C THR B 144 -15.94 4.47 25.20
N ASP B 145 -15.46 3.72 26.21
CA ASP B 145 -16.02 3.74 27.60
C ASP B 145 -17.55 3.57 27.55
N GLY B 146 -18.03 2.55 26.83
CA GLY B 146 -19.46 2.19 26.79
C GLY B 146 -20.27 2.87 25.69
N ALA B 147 -19.79 3.94 25.04
CA ALA B 147 -20.60 4.69 24.05
C ALA B 147 -20.79 3.89 22.73
N CYS B 148 -19.86 3.02 22.36
CA CYS B 148 -19.84 2.31 21.05
C CYS B 148 -19.56 0.84 21.26
N SER B 149 -20.53 -0.02 20.93
CA SER B 149 -20.38 -1.49 20.94
C SER B 149 -19.57 -1.93 19.73
N GLY B 150 -19.05 -3.15 19.77
CA GLY B 150 -18.43 -3.81 18.61
C GLY B 150 -19.37 -3.86 17.43
N ASP B 151 -20.61 -4.27 17.67
CA ASP B 151 -21.66 -4.36 16.63
C ASP B 151 -21.93 -2.99 16.02
N GLU B 152 -21.98 -1.94 16.82
CA GLU B 152 -22.19 -0.57 16.27
C GLU B 152 -21.01 -0.21 15.38
N ILE B 153 -19.79 -0.61 15.73
CA ILE B 153 -18.58 -0.28 14.93
C ILE B 153 -18.64 -1.07 13.61
N LEU B 154 -19.08 -2.33 13.61
CA LEU B 154 -19.16 -3.19 12.37
C LEU B 154 -20.24 -2.65 11.42
N THR B 155 -21.37 -2.19 11.95
CA THR B 155 -22.41 -1.51 11.14
C THR B 155 -21.81 -0.25 10.49
N MET B 156 -21.23 0.65 11.29
CA MET B 156 -20.68 1.95 10.84
C MET B 156 -19.56 1.76 9.81
N GLU B 157 -18.67 0.77 9.96
CA GLU B 157 -17.53 0.61 9.02
C GLU B 157 -18.10 0.36 7.62
N LEU B 158 -19.19 -0.40 7.52
CA LEU B 158 -19.79 -0.70 6.19
C LEU B 158 -20.46 0.55 5.66
N MET B 159 -21.17 1.30 6.51
CA MET B 159 -21.77 2.60 6.12
C MET B 159 -20.67 3.50 5.55
N ILE B 160 -19.51 3.58 6.22
CA ILE B 160 -18.45 4.53 5.79
C ILE B 160 -17.90 4.05 4.45
N MET B 161 -17.56 2.77 4.34
CA MET B 161 -16.81 2.28 3.16
C MET B 161 -17.69 2.35 1.90
N LYS B 162 -19.00 2.14 2.04
CA LYS B 162 -19.98 2.23 0.93
C LYS B 162 -20.17 3.70 0.57
N ALA B 163 -20.29 4.60 1.54
CA ALA B 163 -20.50 6.03 1.24
C ALA B 163 -19.25 6.57 0.51
N LEU B 164 -18.05 6.09 0.86
CA LEU B 164 -16.79 6.53 0.20
C LEU B 164 -16.56 5.75 -1.12
N LYS B 165 -17.45 4.81 -1.48
CA LYS B 165 -17.28 3.97 -2.70
C LYS B 165 -15.95 3.22 -2.60
N TRP B 166 -15.55 2.84 -1.39
CA TRP B 166 -14.32 2.04 -1.15
C TRP B 166 -13.07 2.79 -1.65
N ARG B 167 -13.14 4.12 -1.76
CA ARG B 167 -11.98 4.96 -2.07
C ARG B 167 -11.26 5.21 -0.75
N LEU B 168 -10.31 4.34 -0.42
CA LEU B 168 -9.70 4.27 0.94
C LEU B 168 -8.18 4.38 0.83
N SER B 169 -7.67 4.96 -0.24
CA SER B 169 -6.23 5.02 -0.60
C SER B 169 -5.84 6.47 -0.83
N PRO B 170 -6.24 7.43 -0.01
CA PRO B 170 -5.78 8.79 -0.26
C PRO B 170 -4.26 8.90 -0.07
N LEU B 171 -3.68 9.96 -0.62
CA LEU B 171 -2.33 10.39 -0.20
C LEU B 171 -2.60 11.31 0.97
N THR B 172 -2.22 10.90 2.19
CA THR B 172 -2.47 11.66 3.44
C THR B 172 -1.53 12.87 3.49
N ILE B 173 -1.88 13.81 4.34
CA ILE B 173 -1.01 14.90 4.83
C ILE B 173 0.36 14.34 5.20
N VAL B 174 0.44 13.28 6.03
CA VAL B 174 1.75 12.76 6.53
C VAL B 174 2.46 12.01 5.40
N SER B 175 1.76 11.40 4.45
CA SER B 175 2.45 10.72 3.30
C SER B 175 3.27 11.79 2.51
N TRP B 176 2.73 13.00 2.38
CA TRP B 176 3.42 14.09 1.62
C TRP B 176 4.66 14.52 2.40
N LEU B 177 4.55 14.66 3.72
CA LEU B 177 5.74 15.00 4.55
C LEU B 177 6.79 13.92 4.35
N ASN B 178 6.40 12.65 4.37
CA ASN B 178 7.32 11.52 4.17
C ASN B 178 8.06 11.70 2.84
N VAL B 179 7.36 12.00 1.74
CA VAL B 179 8.04 12.07 0.42
C VAL B 179 8.96 13.31 0.42
N TYR B 180 8.51 14.44 0.96
CA TYR B 180 9.33 15.68 0.98
C TYR B 180 10.63 15.44 1.76
N MET B 181 10.55 14.77 2.92
CA MET B 181 11.74 14.48 3.77
C MET B 181 12.69 13.59 3.00
N GLN B 182 12.18 12.59 2.30
CA GLN B 182 13.04 11.68 1.50
C GLN B 182 13.75 12.49 0.41
N VAL B 183 13.08 13.40 -0.29
CA VAL B 183 13.73 14.21 -1.35
C VAL B 183 14.77 15.13 -0.71
N ALA B 184 14.44 15.77 0.42
CA ALA B 184 15.36 16.67 1.14
C ALA B 184 16.70 15.98 1.38
N TYR B 185 16.70 14.71 1.81
CA TYR B 185 17.89 14.01 2.36
C TYR B 185 18.41 12.95 1.39
N LEU B 186 17.91 12.93 0.16
CA LEU B 186 18.27 11.90 -0.86
C LEU B 186 19.80 11.72 -0.91
N ASN B 187 20.27 10.47 -0.76
CA ASN B 187 21.71 10.06 -0.85
C ASN B 187 22.20 10.11 -2.30
N ASP B 188 23.47 9.76 -2.52
CA ASP B 188 24.13 9.78 -3.86
C ASP B 188 23.49 8.72 -4.79
N LEU B 189 23.04 7.58 -4.24
CA LEU B 189 22.40 6.46 -5.01
C LEU B 189 20.98 6.82 -5.45
N HIS B 190 20.49 8.01 -5.12
CA HIS B 190 19.13 8.50 -5.50
C HIS B 190 18.07 7.48 -5.01
N GLU B 191 18.28 6.84 -3.86
CA GLU B 191 17.35 5.77 -3.36
C GLU B 191 16.09 6.43 -2.81
N VAL B 192 14.95 6.01 -3.31
CA VAL B 192 13.68 6.71 -2.97
C VAL B 192 12.83 5.82 -2.06
N LEU B 193 13.05 4.49 -2.08
CA LEU B 193 12.13 3.53 -1.40
C LEU B 193 12.64 3.22 0.01
N LEU B 194 13.95 3.21 0.23
CA LEU B 194 14.52 2.99 1.59
C LEU B 194 14.63 4.33 2.32
N PRO B 195 13.95 4.49 3.48
CA PRO B 195 13.85 5.79 4.14
C PRO B 195 15.21 6.25 4.64
N GLN B 196 15.55 7.51 4.43
CA GLN B 196 16.86 8.07 4.83
C GLN B 196 16.68 9.56 5.07
N TYR B 197 15.91 9.90 6.09
CA TYR B 197 15.85 11.29 6.63
C TYR B 197 15.96 11.23 8.12
N PRO B 198 16.32 12.34 8.79
CA PRO B 198 16.40 12.36 10.25
C PRO B 198 15.00 12.35 10.87
N GLN B 199 14.94 11.90 12.12
CA GLN B 199 13.68 11.71 12.87
C GLN B 199 13.17 13.03 13.44
N GLN B 200 14.06 13.89 13.94
CA GLN B 200 13.63 15.07 14.72
C GLN B 200 12.94 16.07 13.78
N ILE B 201 13.54 16.33 12.61
CA ILE B 201 12.90 17.30 11.67
C ILE B 201 11.51 16.76 11.31
N PHE B 202 11.38 15.45 11.08
CA PHE B 202 10.12 14.79 10.68
C PHE B 202 9.06 15.03 11.74
N ILE B 203 9.31 14.65 13.00
CA ILE B 203 8.25 14.76 14.05
C ILE B 203 7.95 16.24 14.34
N GLN B 204 8.93 17.13 14.23
CA GLN B 204 8.70 18.59 14.47
C GLN B 204 7.67 19.10 13.45
N ILE B 205 7.87 18.78 12.18
CA ILE B 205 6.90 19.25 11.13
C ILE B 205 5.55 18.54 11.32
N ALA B 206 5.53 17.23 11.63
CA ALA B 206 4.26 16.46 11.81
C ALA B 206 3.45 17.08 12.95
N GLU B 207 4.12 17.53 13.99
CA GLU B 207 3.47 18.15 15.18
C GLU B 207 2.70 19.42 14.76
N LEU B 208 3.25 20.23 13.86
CA LEU B 208 2.55 21.44 13.34
C LEU B 208 1.35 20.97 12.51
N LEU B 209 1.56 19.94 11.69
CA LEU B 209 0.49 19.39 10.84
C LEU B 209 -0.62 18.84 11.75
N ASP B 210 -0.28 18.11 12.81
CA ASP B 210 -1.31 17.56 13.73
C ASP B 210 -2.14 18.69 14.32
N LEU B 211 -1.55 19.85 14.60
CA LEU B 211 -2.30 20.99 15.17
C LEU B 211 -3.24 21.57 14.08
N CYS B 212 -2.73 21.79 12.88
CA CYS B 212 -3.46 22.41 11.73
C CYS B 212 -4.71 21.56 11.40
N VAL B 213 -4.56 20.23 11.37
CA VAL B 213 -5.64 19.30 10.89
C VAL B 213 -6.84 19.35 11.85
N LEU B 214 -6.65 19.82 13.10
CA LEU B 214 -7.77 19.97 14.07
C LEU B 214 -8.69 21.12 13.64
N ASP B 215 -8.23 21.99 12.73
CA ASP B 215 -9.04 23.12 12.25
C ASP B 215 -9.59 22.76 10.87
N VAL B 216 -10.90 22.71 10.75
CA VAL B 216 -11.59 22.28 9.50
C VAL B 216 -11.20 23.20 8.35
N ASP B 217 -10.76 24.43 8.62
CA ASP B 217 -10.34 25.35 7.51
C ASP B 217 -9.11 24.79 6.81
N CYS B 218 -8.41 23.81 7.39
CA CYS B 218 -7.19 23.25 6.77
C CYS B 218 -7.59 22.61 5.44
N LEU B 219 -8.84 22.14 5.33
CA LEU B 219 -9.31 21.35 4.17
C LEU B 219 -9.46 22.26 2.92
N GLU B 220 -9.36 23.59 3.05
CA GLU B 220 -9.26 24.47 1.86
C GLU B 220 -8.04 24.10 1.02
N PHE B 221 -6.95 23.62 1.63
CA PHE B 221 -5.65 23.42 0.96
C PHE B 221 -5.49 21.96 0.60
N PRO B 222 -4.97 21.62 -0.60
CA PRO B 222 -4.56 20.26 -0.89
C PRO B 222 -3.62 19.74 0.21
N TYR B 223 -3.66 18.44 0.49
CA TYR B 223 -2.84 17.81 1.53
C TYR B 223 -1.34 18.06 1.25
N GLY B 224 -0.88 17.94 0.01
CA GLY B 224 0.52 18.21 -0.42
C GLY B 224 0.97 19.64 -0.14
N ILE B 225 0.02 20.57 -0.13
CA ILE B 225 0.26 22.02 0.06
C ILE B 225 0.27 22.30 1.56
N LEU B 226 -0.61 21.65 2.30
CA LEU B 226 -0.58 21.72 3.78
CA LEU B 226 -0.56 21.75 3.77
C LEU B 226 0.80 21.22 4.25
N ALA B 227 1.23 20.07 3.75
CA ALA B 227 2.54 19.52 4.15
C ALA B 227 3.68 20.45 3.71
N ALA B 228 3.67 20.97 2.48
CA ALA B 228 4.74 21.85 1.95
C ALA B 228 4.83 23.11 2.79
N SER B 229 3.68 23.60 3.25
CA SER B 229 3.51 24.86 4.02
C SER B 229 4.10 24.69 5.43
N ALA B 230 3.83 23.57 6.08
CA ALA B 230 4.37 23.32 7.44
C ALA B 230 5.89 23.12 7.30
N LEU B 231 6.31 22.49 6.22
CA LEU B 231 7.75 22.31 5.96
C LEU B 231 8.41 23.68 5.77
N TYR B 232 7.78 24.56 4.99
CA TYR B 232 8.31 25.91 4.76
C TYR B 232 8.50 26.60 6.13
N HIS B 233 7.51 26.53 7.01
CA HIS B 233 7.57 27.17 8.35
C HIS B 233 8.73 26.63 9.17
N PHE B 234 9.30 25.47 8.85
CA PHE B 234 10.43 24.86 9.58
C PHE B 234 11.73 24.94 8.76
N SER B 235 11.72 25.59 7.60
CA SER B 235 12.88 25.54 6.69
C SER B 235 12.95 26.85 5.88
N SER B 236 12.79 26.78 4.56
CA SER B 236 13.01 27.92 3.63
C SER B 236 12.15 27.73 2.37
N SER B 237 12.04 28.79 1.58
CA SER B 237 11.45 28.74 0.22
C SER B 237 12.26 27.78 -0.62
N GLU B 238 13.58 27.91 -0.56
CA GLU B 238 14.50 27.07 -1.38
C GLU B 238 14.22 25.59 -1.09
N LEU B 239 14.13 25.16 0.18
CA LEU B 239 13.91 23.72 0.46
C LEU B 239 12.48 23.33 0.05
N MET B 240 11.47 24.13 0.38
CA MET B 240 10.05 23.86 0.01
C MET B 240 9.99 23.60 -1.52
N GLN B 241 10.59 24.48 -2.32
CA GLN B 241 10.53 24.37 -3.80
C GLN B 241 11.25 23.09 -4.26
N LYS B 242 12.43 22.82 -3.73
CA LYS B 242 13.24 21.63 -4.09
C LYS B 242 12.45 20.33 -3.85
N VAL B 243 11.75 20.19 -2.71
CA VAL B 243 11.17 18.88 -2.30
C VAL B 243 9.74 18.70 -2.84
N SER B 244 9.02 19.80 -3.08
CA SER B 244 7.58 19.84 -3.45
C SER B 244 7.37 20.18 -4.93
N GLY B 245 8.31 20.88 -5.56
CA GLY B 245 8.12 21.44 -6.91
C GLY B 245 7.14 22.60 -6.93
N TYR B 246 6.56 23.01 -5.81
CA TYR B 246 5.60 24.13 -5.80
C TYR B 246 6.36 25.46 -5.97
N GLN B 247 5.68 26.44 -6.55
CA GLN B 247 6.10 27.86 -6.52
C GLN B 247 5.37 28.53 -5.35
N TRP B 248 5.94 29.62 -4.83
CA TRP B 248 5.40 30.44 -3.74
C TRP B 248 3.92 30.71 -3.94
N CYS B 249 3.52 31.12 -5.15
CA CYS B 249 2.12 31.49 -5.48
C CYS B 249 1.18 30.30 -5.13
N ASP B 250 1.64 29.06 -5.30
CA ASP B 250 0.83 27.85 -4.96
C ASP B 250 0.56 27.76 -3.44
N ILE B 251 1.53 28.10 -2.58
CA ILE B 251 1.41 27.76 -1.12
C ILE B 251 1.14 29.00 -0.29
N GLU B 252 1.20 30.17 -0.90
CA GLU B 252 1.22 31.47 -0.20
C GLU B 252 0.02 31.54 0.74
N ASN B 253 -1.18 31.24 0.26
CA ASN B 253 -2.41 31.40 1.09
C ASN B 253 -2.36 30.41 2.26
N CYS B 254 -1.94 29.19 2.00
CA CYS B 254 -1.80 28.16 3.04
C CYS B 254 -0.75 28.61 4.08
N VAL B 255 0.43 29.05 3.63
CA VAL B 255 1.51 29.57 4.51
C VAL B 255 0.96 30.68 5.41
N LYS B 256 0.19 31.62 4.88
CA LYS B 256 -0.31 32.77 5.68
C LYS B 256 -1.34 32.27 6.69
N TRP B 257 -2.25 31.40 6.25
CA TRP B 257 -3.25 30.77 7.16
C TRP B 257 -2.50 30.02 8.27
N MET B 258 -1.37 29.39 7.98
CA MET B 258 -0.67 28.53 8.98
C MET B 258 0.16 29.35 9.99
N VAL B 259 0.38 30.64 9.74
CA VAL B 259 1.30 31.48 10.55
C VAL B 259 1.00 31.35 12.04
N PRO B 260 -0.23 31.60 12.52
CA PRO B 260 -0.49 31.54 13.96
C PRO B 260 -0.25 30.15 14.56
N PHE B 261 -0.45 29.08 13.78
CA PHE B 261 -0.24 27.67 14.20
C PHE B 261 1.27 27.43 14.40
N ALA B 262 2.09 27.83 13.44
CA ALA B 262 3.57 27.76 13.53
C ALA B 262 4.05 28.54 14.75
N MET B 263 3.50 29.75 14.98
CA MET B 263 3.92 30.64 16.09
C MET B 263 3.65 29.94 17.42
N VAL B 264 2.46 29.40 17.57
CA VAL B 264 2.06 28.75 18.85
C VAL B 264 3.00 27.55 19.06
N ILE B 265 3.33 26.78 18.02
CA ILE B 265 4.28 25.62 18.13
C ILE B 265 5.67 26.15 18.52
N ARG B 266 6.14 27.24 17.91
CA ARG B 266 7.51 27.77 18.22
C ARG B 266 7.53 28.27 19.66
N GLU B 267 6.44 28.86 20.13
CA GLU B 267 6.38 29.47 21.49
C GLU B 267 6.26 28.41 22.58
N THR B 268 5.53 27.32 22.34
CA THR B 268 5.34 26.22 23.31
C THR B 268 6.58 25.32 23.28
N GLY B 269 7.22 25.24 22.12
CA GLY B 269 8.37 24.34 21.93
C GLY B 269 7.94 23.02 21.35
N SER B 270 8.85 22.41 20.59
CA SER B 270 8.61 21.14 19.86
C SER B 270 8.85 19.98 20.83
N SER B 271 8.06 18.92 20.67
CA SER B 271 8.21 17.65 21.45
C SER B 271 9.45 16.88 20.96
N LYS B 272 10.10 16.19 21.88
CA LYS B 272 11.18 15.22 21.63
C LYS B 272 10.58 13.91 21.10
N LEU B 273 11.39 13.16 20.36
CA LEU B 273 11.10 11.80 19.88
C LEU B 273 10.81 10.88 21.08
N LYS B 274 9.72 10.11 21.04
CA LYS B 274 9.36 9.19 22.14
C LYS B 274 9.91 7.80 21.82
N HIS B 275 10.10 7.02 22.88
CA HIS B 275 10.34 5.56 22.83
C HIS B 275 8.99 4.88 23.02
N PHE B 276 8.72 3.83 22.26
CA PHE B 276 7.45 3.07 22.34
C PHE B 276 7.82 1.60 22.56
N ARG B 277 7.10 0.92 23.44
CA ARG B 277 7.36 -0.49 23.84
CA ARG B 277 7.51 -0.46 23.79
C ARG B 277 7.23 -1.34 22.56
N GLY B 278 8.24 -2.14 22.20
CA GLY B 278 8.20 -3.06 21.05
C GLY B 278 8.39 -2.37 19.71
N VAL B 279 8.72 -1.07 19.65
CA VAL B 279 8.97 -0.37 18.37
C VAL B 279 10.48 -0.09 18.27
N ALA B 280 11.13 -0.57 17.21
CA ALA B 280 12.56 -0.27 16.93
C ALA B 280 12.74 1.25 17.04
N ASP B 281 13.70 1.72 17.84
CA ASP B 281 13.87 3.17 18.21
C ASP B 281 14.10 3.98 16.93
N GLU B 282 14.49 3.31 15.84
CA GLU B 282 14.76 3.95 14.52
C GLU B 282 13.45 4.12 13.73
N ASP B 283 12.34 3.51 14.18
CA ASP B 283 11.01 3.57 13.51
C ASP B 283 10.03 4.39 14.36
N ALA B 284 10.51 4.91 15.49
CA ALA B 284 9.66 5.53 16.52
C ALA B 284 8.96 6.78 15.96
N HIS B 285 9.57 7.45 14.97
CA HIS B 285 9.08 8.72 14.39
C HIS B 285 7.78 8.49 13.59
N ASN B 286 7.49 7.24 13.23
CA ASN B 286 6.29 6.85 12.45
C ASN B 286 5.08 6.64 13.35
N ILE B 287 5.27 6.63 14.67
CA ILE B 287 4.16 6.34 15.64
C ILE B 287 3.44 7.65 15.95
N GLN B 288 2.12 7.61 15.94
CA GLN B 288 1.30 8.79 16.24
C GLN B 288 1.43 9.17 17.72
N THR B 289 1.65 10.46 17.98
CA THR B 289 1.75 11.01 19.34
C THR B 289 0.54 11.91 19.63
N HIS B 290 0.41 12.29 20.89
CA HIS B 290 -0.68 13.15 21.42
C HIS B 290 -0.13 14.10 22.50
N ARG B 291 -0.46 15.38 22.43
CA ARG B 291 -0.12 16.39 23.48
C ARG B 291 -1.42 17.18 23.66
N ASP B 292 -1.50 18.12 24.61
CA ASP B 292 -2.70 18.99 24.77
C ASP B 292 -2.70 20.03 23.65
N SER B 293 -3.28 19.66 22.53
CA SER B 293 -3.25 20.49 21.30
C SER B 293 -4.50 21.37 21.26
N LEU B 294 -5.55 21.03 22.01
CA LEU B 294 -6.80 21.83 22.02
C LEU B 294 -6.46 23.21 22.60
N ASP B 295 -5.61 23.27 23.63
CA ASP B 295 -5.07 24.52 24.23
CA ASP B 295 -5.20 24.59 24.20
C ASP B 295 -4.38 25.35 23.13
N LEU B 296 -3.40 24.71 22.49
CA LEU B 296 -2.63 25.31 21.36
C LEU B 296 -3.59 25.77 20.27
N LEU B 297 -4.58 24.94 19.93
CA LEU B 297 -5.57 25.26 18.87
C LEU B 297 -6.30 26.57 19.22
N ASP B 298 -6.78 26.68 20.46
CA ASP B 298 -7.48 27.91 20.95
C ASP B 298 -6.58 29.13 20.70
N LYS B 299 -5.36 29.13 21.26
CA LYS B 299 -4.33 30.20 21.04
C LYS B 299 -4.18 30.52 19.55
N ALA B 300 -3.99 29.50 18.70
CA ALA B 300 -3.71 29.70 17.26
C ALA B 300 -4.91 30.36 16.54
N ARG B 301 -6.15 29.95 16.84
CA ARG B 301 -7.35 30.48 16.14
C ARG B 301 -7.68 31.86 16.72
N ALA B 302 -7.29 32.12 17.98
CA ALA B 302 -7.43 33.43 18.66
C ALA B 302 -6.85 34.55 17.79
N LYS B 303 -5.65 34.35 17.24
CA LYS B 303 -4.92 35.36 16.42
C LYS B 303 -5.58 35.45 15.04
S SO4 C . 7.38 -21.67 -30.92
O1 SO4 C . 8.67 -21.81 -31.56
O2 SO4 C . 7.25 -20.30 -30.48
O3 SO4 C . 6.32 -21.98 -31.86
O4 SO4 C . 7.33 -22.60 -29.80
C1 GOL D . -9.75 -11.96 -8.85
O1 GOL D . -8.96 -11.62 -7.70
C2 GOL D . -10.42 -13.31 -8.68
O2 GOL D . -10.98 -13.69 -9.94
C3 GOL D . -9.49 -14.38 -8.14
O3 GOL D . -10.01 -15.69 -8.36
S SO4 E . -17.53 2.90 -8.52
O1 SO4 E . -17.30 4.32 -8.64
O2 SO4 E . -16.64 2.19 -9.39
O3 SO4 E . -18.88 2.61 -8.87
O4 SO4 E . -17.29 2.51 -7.15
S SO4 F . 11.32 -2.12 25.31
O1 SO4 F . 12.75 -2.20 25.27
O2 SO4 F . 10.92 -0.88 26.01
O3 SO4 F . 10.80 -2.16 23.97
O4 SO4 F . 10.80 -3.24 26.05
S SO4 G . 12.41 24.18 21.27
O1 SO4 G . 13.09 25.48 21.26
O2 SO4 G . 11.36 24.18 20.29
O3 SO4 G . 13.36 23.13 20.97
O4 SO4 G . 11.86 23.92 22.59
S SO4 H . -15.61 26.63 17.00
O1 SO4 H . -14.90 27.25 18.10
O2 SO4 H . -16.32 27.64 16.25
O3 SO4 H . -16.56 25.66 17.52
O4 SO4 H . -14.65 25.97 16.15
S SO4 I . 5.50 1.76 33.49
O1 SO4 I . 6.77 1.10 33.64
O2 SO4 I . 5.66 2.85 32.55
O3 SO4 I . 4.53 0.83 32.96
O4 SO4 I . 5.06 2.26 34.77
S SO4 J . -29.19 21.42 5.62
O1 SO4 J . -28.41 22.20 6.55
O2 SO4 J . -28.39 21.14 4.46
O3 SO4 J . -29.58 20.17 6.25
O4 SO4 J . -30.37 22.15 5.24
S SO4 K . 7.17 31.24 11.88
O1 SO4 K . 8.47 31.86 11.85
O2 SO4 K . 6.16 32.22 11.59
O3 SO4 K . 7.14 30.19 10.89
O4 SO4 K . 6.94 30.67 13.18
S SO4 L . 17.95 12.91 14.22
O1 SO4 L . 19.25 13.31 13.69
O2 SO4 L . 16.99 13.95 13.94
O3 SO4 L . 17.57 11.65 13.58
O4 SO4 L . 18.06 12.76 15.66
S SO4 M . -15.25 12.10 22.14
O1 SO4 M . -14.13 12.21 23.05
O2 SO4 M . -15.10 13.06 21.07
O3 SO4 M . -15.30 10.79 21.56
O4 SO4 M . -16.48 12.35 22.85
S SO4 N . -3.94 7.31 -12.77
O1 SO4 N . -2.78 6.73 -13.43
O2 SO4 N . -3.84 8.75 -12.82
O3 SO4 N . -5.13 6.86 -13.46
O4 SO4 N . -3.98 6.86 -11.40
O1 MES O . -32.11 7.64 16.21
C2 MES O . -32.68 8.78 16.82
C3 MES O . -31.83 9.25 17.97
N4 MES O . -30.46 9.61 17.47
C5 MES O . -29.90 8.46 16.72
C6 MES O . -30.86 8.00 15.65
C7 MES O . -29.53 10.03 18.56
C8 MES O . -30.05 9.87 19.98
S MES O . -28.95 10.68 21.15
O1S MES O . -27.76 9.86 21.15
O2S MES O . -28.73 12.01 20.61
O3S MES O . -29.62 10.66 22.42
C1 GOL P . -24.52 2.45 13.29
O1 GOL P . -24.16 1.56 14.34
C2 GOL P . -25.31 3.65 13.81
O2 GOL P . -26.15 4.15 12.77
C3 GOL P . -26.12 3.32 15.04
O3 GOL P . -26.49 4.51 15.71
C1 GOL Q . -4.68 2.38 -5.77
O1 GOL Q . -5.68 2.48 -4.76
C2 GOL Q . -3.75 3.57 -5.72
O2 GOL Q . -2.98 3.52 -4.51
C3 GOL Q . -2.86 3.69 -6.95
O3 GOL Q . -2.38 5.03 -7.12
#